data_8ADC
#
_entry.id   8ADC
#
_cell.length_a   37.121
_cell.length_b   70.295
_cell.length_c   75.890
_cell.angle_alpha   90.000
_cell.angle_beta   101.840
_cell.angle_gamma   90.000
#
_symmetry.space_group_name_H-M   'P 1 21 1'
#
loop_
_entity.id
_entity.type
_entity.pdbx_description
1 polymer 'Deubiquitinating enzyme'
2 water water
#
_entity_poly.entity_id   1
_entity_poly.type   'polypeptide(L)'
_entity_poly.pdbx_seq_one_letter_code
;K(MSE)PEEEQDSLAAFSRIEANITQYDPLLDNAGKSACTCICLKAAE(MSE)LLEASPDQVNAGLIDDILVEGVADYNR
FKVGGVVEHTSVENYELNTFELKRLEFRDVDNPFSAEGNPYAGTLDSFAK(MSE)(MSE)EKASDSKDLPKPVALV
(MSE)TKSN(MSE)TITIVIRPDGKYWLFDPHGTNGKGAYIESCNTDELIKKIKEIFPKTSYPG(MSE)TEDENLGFNSF
EAYAVRR
;
_entity_poly.pdbx_strand_id   B,A
#
# COMPACT_ATOMS: atom_id res chain seq x y z
N GLU A 5 33.98 17.59 -7.08
CA GLU A 5 32.93 18.22 -6.31
C GLU A 5 31.52 17.80 -6.74
N GLU A 6 31.39 16.54 -7.17
CA GLU A 6 30.13 16.01 -7.69
C GLU A 6 29.97 14.56 -7.27
N GLN A 7 28.72 14.15 -7.08
CA GLN A 7 28.44 12.76 -6.72
C GLN A 7 28.51 11.88 -7.96
N ASP A 8 28.70 10.57 -7.73
CA ASP A 8 28.61 9.57 -8.79
C ASP A 8 27.27 9.71 -9.51
N SER A 9 27.28 9.64 -10.85
CA SER A 9 26.09 9.91 -11.64
C SER A 9 26.00 8.99 -12.86
N LEU A 10 24.90 9.14 -13.60
CA LEU A 10 24.72 8.35 -14.82
C LEU A 10 25.74 8.71 -15.89
N ALA A 11 26.49 9.80 -15.73
CA ALA A 11 27.51 10.15 -16.71
C ALA A 11 28.69 9.19 -16.66
N ALA A 12 28.95 8.60 -15.49
CA ALA A 12 30.07 7.69 -15.31
C ALA A 12 29.65 6.28 -14.93
N PHE A 13 28.44 6.09 -14.42
CA PHE A 13 27.94 4.78 -14.02
C PHE A 13 26.61 4.51 -14.68
N SER A 14 26.36 3.24 -15.00
CA SER A 14 25.13 2.85 -15.69
C SER A 14 24.00 2.52 -14.73
N ARG A 15 24.25 2.48 -13.42
CA ARG A 15 23.21 2.27 -12.43
C ARG A 15 23.48 3.14 -11.21
N ILE A 16 22.46 3.87 -10.78
CA ILE A 16 22.52 4.73 -9.60
C ILE A 16 21.33 4.39 -8.71
N GLU A 17 21.56 4.25 -7.41
CA GLU A 17 20.51 3.87 -6.47
C GLU A 17 20.30 4.96 -5.43
N ALA A 18 19.07 5.02 -4.92
CA ALA A 18 18.75 6.01 -3.90
C ALA A 18 19.51 5.71 -2.61
N ASN A 19 19.65 6.76 -1.77
CA ASN A 19 20.08 6.51 -0.40
C ASN A 19 18.92 6.05 0.47
N ILE A 20 17.72 6.56 0.20
CA ILE A 20 16.55 6.19 1.00
C ILE A 20 16.35 4.69 0.91
N THR A 21 16.20 4.04 2.06
CA THR A 21 16.13 2.59 2.09
C THR A 21 14.74 2.11 1.69
N GLN A 22 14.69 0.84 1.30
CA GLN A 22 13.46 0.26 0.77
C GLN A 22 12.31 0.35 1.77
N TYR A 23 12.61 0.26 3.07
CA TYR A 23 11.57 0.25 4.09
C TYR A 23 11.62 1.48 4.97
N ASP A 24 12.16 2.58 4.45
CA ASP A 24 12.09 3.86 5.15
C ASP A 24 10.63 4.18 5.47
N PRO A 25 10.34 4.75 6.65
CA PRO A 25 8.94 5.02 7.00
C PRO A 25 8.17 5.82 5.95
N LEU A 26 8.84 6.80 5.33
CA LEU A 26 8.18 7.59 4.30
C LEU A 26 7.68 6.70 3.17
N LEU A 27 8.48 5.70 2.80
CA LEU A 27 8.06 4.80 1.72
C LEU A 27 7.13 3.73 2.24
N ASP A 28 7.40 3.20 3.44
CA ASP A 28 6.55 2.13 3.98
C ASP A 28 5.14 2.64 4.24
N ASN A 29 5.01 3.88 4.72
CA ASN A 29 3.67 4.40 5.01
C ASN A 29 2.89 4.62 3.72
N ALA A 30 3.49 5.32 2.75
CA ALA A 30 2.89 5.37 1.43
C ALA A 30 2.91 3.95 0.86
N GLY A 31 1.84 3.56 0.21
CA GLY A 31 1.76 2.21 -0.30
C GLY A 31 2.45 2.04 -1.64
N LYS A 32 2.31 0.84 -2.20
CA LYS A 32 2.67 0.66 -3.60
C LYS A 32 1.77 1.51 -4.48
N SER A 33 0.64 1.97 -3.95
CA SER A 33 -0.25 2.83 -4.70
C SER A 33 0.37 4.20 -4.97
N ALA A 34 1.49 4.52 -4.33
CA ALA A 34 2.20 5.76 -4.59
C ALA A 34 3.20 5.61 -5.75
N CYS A 35 3.33 4.43 -6.32
CA CYS A 35 4.33 4.20 -7.35
CA CYS A 35 4.36 4.22 -7.34
C CYS A 35 4.08 5.06 -8.58
N THR A 36 2.81 5.23 -8.96
CA THR A 36 2.55 5.97 -10.20
C THR A 36 2.88 7.45 -10.03
N CYS A 37 2.49 8.02 -8.90
CA CYS A 37 2.86 9.39 -8.58
C CYS A 37 4.37 9.56 -8.53
N ILE A 38 5.08 8.61 -7.92
CA ILE A 38 6.54 8.72 -7.86
C ILE A 38 7.13 8.68 -9.26
N CYS A 39 6.57 7.83 -10.12
CA CYS A 39 7.05 7.72 -11.50
C CYS A 39 6.73 8.97 -12.32
N LEU A 40 5.61 9.63 -12.06
CA LEU A 40 5.38 10.90 -12.73
C LEU A 40 6.35 11.98 -12.24
N LYS A 41 6.67 11.97 -10.95
CA LYS A 41 7.73 12.87 -10.45
C LYS A 41 9.06 12.54 -11.12
N ALA A 42 9.33 11.24 -11.34
CA ALA A 42 10.58 10.86 -12.01
C ALA A 42 10.62 11.41 -13.43
N ALA A 43 9.50 11.33 -14.16
CA ALA A 43 9.47 11.91 -15.50
C ALA A 43 9.75 13.40 -15.43
N GLU A 44 9.07 14.10 -14.53
CA GLU A 44 9.23 15.55 -14.41
C GLU A 44 10.69 15.92 -14.19
N MSE A 45 11.34 15.28 -13.23
CA MSE A 45 12.70 15.66 -12.85
C MSE A 45 13.77 15.09 -13.81
O MSE A 45 14.76 15.74 -14.10
CB MSE A 45 12.93 15.23 -11.40
CG MSE A 45 11.95 15.86 -10.41
SE MSE A 45 12.44 15.66 -8.52
CE MSE A 45 13.34 17.39 -8.31
H MSE A 45 11.02 14.61 -12.79
HA MSE A 45 12.78 16.62 -12.91
HB2 MSE A 45 12.83 14.26 -11.34
HB3 MSE A 45 13.83 15.48 -11.13
HG2 MSE A 45 11.90 16.81 -10.60
HG3 MSE A 45 11.07 15.45 -10.52
HE1 MSE A 45 13.66 17.47 -7.39
HE2 MSE A 45 14.09 17.44 -8.92
HE3 MSE A 45 12.71 18.10 -8.49
N LEU A 46 13.58 13.88 -14.31
CA LEU A 46 14.58 13.32 -15.21
C LEU A 46 14.51 13.92 -16.61
N LEU A 47 13.34 14.35 -17.08
CA LEU A 47 13.26 14.92 -18.41
C LEU A 47 14.00 16.25 -18.47
N GLU A 48 14.19 16.88 -17.33
CA GLU A 48 14.88 18.15 -17.19
C GLU A 48 16.36 17.97 -16.95
N ALA A 49 16.83 16.75 -16.71
CA ALA A 49 18.18 16.51 -16.25
C ALA A 49 19.14 16.08 -17.35
N SER A 50 20.40 16.27 -17.08
CA SER A 50 21.48 15.70 -17.87
C SER A 50 22.08 14.54 -17.10
N PRO A 51 22.77 13.62 -17.79
CA PRO A 51 23.29 12.44 -17.09
C PRO A 51 24.08 12.76 -15.83
N ASP A 52 24.91 13.80 -15.82
CA ASP A 52 25.73 14.01 -14.62
C ASP A 52 24.94 14.67 -13.49
N GLN A 53 23.70 15.11 -13.73
CA GLN A 53 22.84 15.52 -12.63
C GLN A 53 22.16 14.34 -11.94
N VAL A 54 22.14 13.16 -12.56
CA VAL A 54 21.36 12.03 -12.05
C VAL A 54 22.27 11.26 -11.08
N ASN A 55 22.19 11.62 -9.81
CA ASN A 55 22.95 10.99 -8.73
C ASN A 55 21.98 10.48 -7.68
N ALA A 56 22.53 9.88 -6.61
CA ALA A 56 21.68 9.23 -5.63
C ALA A 56 20.75 10.23 -4.97
N GLY A 57 21.23 11.47 -4.76
CA GLY A 57 20.39 12.47 -4.14
C GLY A 57 19.20 12.86 -4.99
N LEU A 58 19.37 12.90 -6.32
CA LEU A 58 18.23 13.20 -7.19
C LEU A 58 17.18 12.10 -7.12
N ILE A 59 17.61 10.84 -7.04
CA ILE A 59 16.65 9.76 -6.87
C ILE A 59 15.91 9.91 -5.54
N ASP A 60 16.64 10.25 -4.46
CA ASP A 60 16.02 10.58 -3.19
C ASP A 60 14.96 11.69 -3.34
N ASP A 61 15.29 12.74 -4.10
CA ASP A 61 14.36 13.85 -4.28
C ASP A 61 13.09 13.41 -4.99
N ILE A 62 13.24 12.54 -6.01
CA ILE A 62 12.08 11.99 -6.71
C ILE A 62 11.17 11.25 -5.74
N LEU A 63 11.75 10.43 -4.88
CA LEU A 63 10.93 9.66 -3.95
C LEU A 63 10.20 10.58 -2.98
N VAL A 64 10.91 11.55 -2.40
CA VAL A 64 10.31 12.36 -1.36
C VAL A 64 9.24 13.27 -1.94
N GLU A 65 9.57 14.00 -3.02
CA GLU A 65 8.59 14.91 -3.59
C GLU A 65 7.47 14.14 -4.26
N GLY A 66 7.77 12.96 -4.78
CA GLY A 66 6.72 12.11 -5.31
C GLY A 66 5.74 11.69 -4.24
N VAL A 67 6.26 11.29 -3.08
CA VAL A 67 5.35 10.95 -1.95
C VAL A 67 4.59 12.17 -1.48
N ALA A 68 5.23 13.35 -1.44
CA ALA A 68 4.53 14.54 -1.00
C ALA A 68 3.33 14.84 -1.90
N ASP A 69 3.56 14.80 -3.21
CA ASP A 69 2.46 14.99 -4.16
C ASP A 69 1.39 13.90 -4.00
N TYR A 70 1.81 12.67 -3.69
CA TYR A 70 0.86 11.57 -3.53
C TYR A 70 0.01 11.76 -2.28
N ASN A 71 0.61 12.17 -1.17
CA ASN A 71 -0.17 12.45 0.03
C ASN A 71 -1.14 13.60 -0.17
N ARG A 72 -0.77 14.61 -0.96
CA ARG A 72 -1.69 15.71 -1.22
C ARG A 72 -2.93 15.25 -1.96
N PHE A 73 -2.83 14.21 -2.80
CA PHE A 73 -3.92 13.82 -3.68
C PHE A 73 -4.65 12.56 -3.25
N LYS A 74 -4.15 11.81 -2.28
CA LYS A 74 -4.78 10.55 -1.89
C LYS A 74 -6.08 10.80 -1.14
N VAL A 75 -7.06 9.93 -1.36
CA VAL A 75 -8.37 10.04 -0.72
C VAL A 75 -8.99 11.39 -1.05
N GLU A 80 -7.65 2.27 -4.15
CA GLU A 80 -7.54 3.56 -4.81
C GLU A 80 -7.18 3.42 -6.27
N HIS A 81 -7.77 4.27 -7.12
CA HIS A 81 -7.43 4.31 -8.54
C HIS A 81 -6.19 5.20 -8.71
N THR A 82 -5.07 4.59 -9.11
CA THR A 82 -3.79 5.28 -9.20
C THR A 82 -3.21 5.21 -10.61
N SER A 83 -4.07 5.30 -11.62
CA SER A 83 -3.62 5.35 -13.00
C SER A 83 -3.05 6.74 -13.30
N VAL A 84 -2.24 6.81 -14.36
CA VAL A 84 -1.70 8.12 -14.76
C VAL A 84 -2.83 9.11 -14.97
N GLU A 85 -3.97 8.64 -15.47
CA GLU A 85 -5.11 9.49 -15.75
C GLU A 85 -5.73 10.08 -14.49
N ASN A 86 -5.43 9.50 -13.33
CA ASN A 86 -6.00 9.99 -12.08
C ASN A 86 -5.24 11.17 -11.49
N TYR A 87 -4.05 11.48 -12.02
CA TYR A 87 -3.25 12.61 -11.61
C TYR A 87 -3.34 13.74 -12.62
N GLU A 88 -3.28 14.96 -12.12
CA GLU A 88 -3.33 16.17 -12.93
CA GLU A 88 -3.34 16.17 -12.93
C GLU A 88 -1.92 16.48 -13.43
N LEU A 89 -1.68 16.22 -14.71
CA LEU A 89 -0.30 16.27 -15.20
C LEU A 89 0.31 17.66 -15.12
N ASN A 90 -0.49 18.72 -15.18
CA ASN A 90 0.13 20.06 -15.14
C ASN A 90 0.80 20.32 -13.80
N THR A 91 0.36 19.66 -12.72
CA THR A 91 1.03 19.87 -11.45
C THR A 91 2.43 19.24 -11.42
N PHE A 92 2.73 18.35 -12.37
CA PHE A 92 4.05 17.77 -12.54
C PHE A 92 4.82 18.46 -13.67
N GLU A 93 4.26 19.53 -14.24
CA GLU A 93 4.86 20.21 -15.38
C GLU A 93 4.99 19.26 -16.58
N LEU A 94 4.05 18.34 -16.72
CA LEU A 94 4.05 17.35 -17.80
C LEU A 94 2.89 17.58 -18.76
N LYS A 95 3.11 17.15 -20.00
CA LYS A 95 2.12 17.19 -21.07
C LYS A 95 1.98 15.77 -21.60
N ARG A 96 0.75 15.31 -21.76
CA ARG A 96 0.55 13.99 -22.37
C ARG A 96 0.63 14.07 -23.89
N LEU A 97 1.29 13.07 -24.48
CA LEU A 97 1.38 12.92 -25.93
C LEU A 97 0.64 11.66 -26.38
N GLU A 98 -0.05 11.76 -27.52
CA GLU A 98 -0.73 10.60 -28.09
C GLU A 98 0.30 9.54 -28.48
N PHE A 99 0.09 8.31 -28.02
CA PHE A 99 0.99 7.19 -28.30
C PHE A 99 0.24 5.90 -28.01
N ARG A 100 -0.01 5.10 -29.05
CA ARG A 100 -0.81 3.90 -28.86
C ARG A 100 -0.41 2.89 -29.93
N ASP A 101 -0.88 1.66 -29.75
CA ASP A 101 -0.61 0.58 -30.71
C ASP A 101 -1.69 0.63 -31.78
N VAL A 102 -1.40 1.32 -32.87
CA VAL A 102 -2.37 1.49 -33.94
C VAL A 102 -2.65 0.16 -34.64
N ASP A 103 -1.78 -0.83 -34.48
CA ASP A 103 -1.97 -2.14 -35.10
C ASP A 103 -2.93 -3.03 -34.32
N ASN A 104 -3.23 -2.69 -33.09
CA ASN A 104 -4.12 -3.49 -32.28
C ASN A 104 -5.55 -3.13 -32.66
N PRO A 105 -6.35 -4.10 -33.12
CA PRO A 105 -7.70 -3.76 -33.61
C PRO A 105 -8.64 -3.28 -32.53
N PHE A 106 -8.32 -3.49 -31.26
CA PHE A 106 -9.17 -3.04 -30.16
C PHE A 106 -8.80 -1.66 -29.65
N SER A 107 -7.74 -1.06 -30.21
CA SER A 107 -7.26 0.23 -29.75
C SER A 107 -8.04 1.35 -30.42
N ALA A 108 -8.20 2.45 -29.68
CA ALA A 108 -8.88 3.64 -30.13
C ALA A 108 -8.00 4.85 -29.88
N GLU A 109 -8.20 5.89 -30.68
CA GLU A 109 -7.45 7.12 -30.48
C GLU A 109 -7.62 7.62 -29.04
N GLY A 110 -6.52 8.06 -28.43
CA GLY A 110 -6.53 8.51 -27.06
C GLY A 110 -6.27 7.42 -26.04
N ASN A 111 -6.38 6.15 -26.41
CA ASN A 111 -6.04 5.12 -25.46
C ASN A 111 -4.54 5.16 -25.19
N PRO A 112 -4.11 4.68 -24.04
CA PRO A 112 -2.67 4.50 -23.83
C PRO A 112 -2.16 3.38 -24.71
N TYR A 113 -0.84 3.22 -24.71
CA TYR A 113 -0.23 2.09 -25.41
C TYR A 113 -0.43 0.85 -24.53
N ALA A 114 -1.19 -0.11 -25.03
CA ALA A 114 -1.57 -1.26 -24.25
C ALA A 114 -1.20 -2.52 -25.03
N GLY A 115 -0.65 -3.49 -24.33
CA GLY A 115 -0.33 -4.75 -24.96
C GLY A 115 0.17 -5.75 -23.93
N THR A 116 0.62 -6.89 -24.43
CA THR A 116 1.24 -7.87 -23.56
C THR A 116 2.73 -7.62 -23.52
N LEU A 117 3.38 -8.26 -22.55
CA LEU A 117 4.81 -8.05 -22.37
C LEU A 117 5.60 -8.39 -23.63
N ASP A 118 5.10 -9.30 -24.46
CA ASP A 118 5.80 -9.62 -25.69
C ASP A 118 5.92 -8.44 -26.62
N SER A 119 5.06 -7.43 -26.47
CA SER A 119 5.05 -6.27 -27.35
CA SER A 119 5.07 -6.29 -27.37
C SER A 119 5.99 -5.16 -26.89
N PHE A 120 6.78 -5.39 -25.84
CA PHE A 120 7.59 -4.30 -25.29
C PHE A 120 8.57 -3.74 -26.32
N ALA A 121 9.33 -4.62 -26.97
CA ALA A 121 10.33 -4.12 -27.91
C ALA A 121 9.68 -3.32 -29.03
N LYS A 122 8.54 -3.79 -29.54
CA LYS A 122 7.85 -3.04 -30.57
C LYS A 122 7.44 -1.66 -30.09
N MSE A 123 6.90 -1.58 -28.88
CA MSE A 123 6.52 -0.29 -28.34
C MSE A 123 7.73 0.64 -28.32
O MSE A 123 7.64 1.80 -28.68
CB MSE A 123 5.94 -0.41 -26.93
CG MSE A 123 5.63 0.95 -26.36
SE MSE A 123 4.93 0.87 -24.59
CE MSE A 123 6.43 0.23 -23.63
H MSE A 123 6.75 -2.26 -28.36
HA MSE A 123 5.82 0.09 -28.90
HB2 MSE A 123 5.11 -0.93 -26.97
HB3 MSE A 123 6.58 -0.86 -26.36
HG2 MSE A 123 6.45 1.46 -26.33
HG3 MSE A 123 4.98 1.38 -26.93
HE1 MSE A 123 6.17 0.07 -22.71
HE2 MSE A 123 6.72 -0.60 -24.03
HE3 MSE A 123 7.13 0.89 -23.67
N MSE A 124 8.87 0.12 -27.88
CA MSE A 124 10.04 0.98 -27.73
C MSE A 124 10.54 1.45 -29.08
O MSE A 124 10.99 2.58 -29.21
CB MSE A 124 11.15 0.29 -26.97
CG MSE A 124 10.80 -0.07 -25.59
SE MSE A 124 10.24 1.47 -24.49
CE MSE A 124 11.53 2.79 -25.10
H MSE A 124 9.00 -0.71 -27.67
HA MSE A 124 9.78 1.76 -27.21
HB2 MSE A 124 11.37 -0.54 -27.44
HB3 MSE A 124 11.93 0.86 -26.95
HG2 MSE A 124 10.07 -0.70 -25.59
HG3 MSE A 124 11.58 -0.47 -25.16
HE1 MSE A 124 11.39 3.62 -24.62
HE2 MSE A 124 12.42 2.45 -24.93
HE3 MSE A 124 11.41 2.93 -26.05
N GLU A 125 10.46 0.59 -30.10
CA GLU A 125 10.92 1.00 -31.43
C GLU A 125 9.98 2.06 -32.00
N LYS A 126 8.67 1.91 -31.78
CA LYS A 126 7.74 2.92 -32.28
C LYS A 126 7.99 4.24 -31.56
N ALA A 127 8.21 4.18 -30.24
CA ALA A 127 8.42 5.39 -29.46
C ALA A 127 9.72 6.09 -29.85
N SER A 128 10.77 5.32 -30.13
CA SER A 128 12.06 5.91 -30.45
C SER A 128 12.13 6.47 -31.86
N ASP A 129 11.33 5.93 -32.78
CA ASP A 129 11.39 6.35 -34.17
C ASP A 129 10.17 7.15 -34.61
N SER A 130 9.36 7.63 -33.67
CA SER A 130 8.19 8.43 -33.99
C SER A 130 8.54 9.91 -34.10
N LYS A 131 8.02 10.55 -35.16
CA LYS A 131 8.13 12.00 -35.24
C LYS A 131 7.25 12.69 -34.20
N ASP A 132 6.11 12.07 -33.86
CA ASP A 132 5.17 12.67 -32.93
C ASP A 132 5.64 12.63 -31.49
N LEU A 133 6.75 11.95 -31.21
CA LEU A 133 7.34 11.91 -29.88
C LEU A 133 8.74 12.50 -29.92
N PRO A 134 8.92 13.78 -29.57
CA PRO A 134 10.27 14.35 -29.52
C PRO A 134 11.10 13.66 -28.47
N LYS A 135 12.38 13.99 -28.45
CA LYS A 135 13.24 13.45 -27.42
C LYS A 135 13.90 14.61 -26.67
N PRO A 136 14.03 14.53 -25.34
CA PRO A 136 13.60 13.44 -24.45
C PRO A 136 12.10 13.37 -24.27
N VAL A 137 11.62 12.15 -24.08
CA VAL A 137 10.22 11.86 -23.81
C VAL A 137 10.25 10.71 -22.80
N ALA A 138 9.22 10.65 -21.95
CA ALA A 138 9.12 9.60 -20.96
C ALA A 138 7.89 8.72 -21.22
N LEU A 139 8.07 7.43 -21.00
CA LEU A 139 6.96 6.48 -20.94
C LEU A 139 6.76 6.09 -19.49
N VAL A 140 5.54 6.24 -19.00
CA VAL A 140 5.18 5.80 -17.67
C VAL A 140 4.38 4.52 -17.84
N MSE A 141 4.93 3.41 -17.36
CA MSE A 141 4.46 2.07 -17.74
C MSE A 141 4.01 1.31 -16.51
O MSE A 141 4.77 1.14 -15.58
CB MSE A 141 5.58 1.30 -18.45
CG MSE A 141 5.23 -0.14 -18.77
SE MSE A 141 6.81 -1.00 -19.62
CE MSE A 141 6.12 -2.80 -19.78
H MSE A 141 5.60 3.39 -16.82
HA MSE A 141 3.71 2.15 -18.35
HB2 MSE A 141 5.78 1.75 -19.28
HB3 MSE A 141 6.36 1.29 -17.87
HG2 MSE A 141 5.02 -0.62 -17.96
HG3 MSE A 141 4.49 -0.17 -19.39
HE1 MSE A 141 6.84 -3.39 -20.04
HE2 MSE A 141 5.76 -3.08 -18.91
HE3 MSE A 141 5.42 -2.82 -20.45
N THR A 142 2.78 0.78 -16.54
CA THR A 142 2.18 0.12 -15.40
C THR A 142 1.86 -1.32 -15.77
N LYS A 143 2.28 -2.26 -14.93
CA LYS A 143 1.97 -3.68 -15.10
C LYS A 143 1.64 -4.28 -13.74
N SER A 144 0.45 -4.83 -13.59
CA SER A 144 0.06 -5.47 -12.33
C SER A 144 0.27 -4.54 -11.14
N ASN A 145 -0.25 -3.32 -11.24
CA ASN A 145 -0.21 -2.32 -10.16
C ASN A 145 1.21 -1.89 -9.75
N MSE A 146 2.20 -2.14 -10.57
CA MSE A 146 3.53 -1.58 -10.35
C MSE A 146 3.88 -0.74 -11.59
O MSE A 146 3.53 -1.09 -12.70
CB MSE A 146 4.55 -2.67 -10.07
CG MSE A 146 6.02 -2.24 -10.13
SE MSE A 146 6.66 -0.75 -8.98
CE MSE A 146 8.38 -0.56 -9.89
H MSE A 146 2.15 -2.63 -11.27
HA MSE A 146 3.56 -1.02 -9.55
HB2 MSE A 146 4.39 -3.02 -9.18
HB3 MSE A 146 4.43 -3.37 -10.73
HG2 MSE A 146 6.55 -3.01 -9.90
HG3 MSE A 146 6.20 -1.97 -11.04
HE1 MSE A 146 9.00 -0.10 -9.29
HE2 MSE A 146 8.73 -1.43 -10.10
HE3 MSE A 146 8.25 -0.05 -10.69
N THR A 147 4.56 0.38 -11.36
CA THR A 147 4.84 1.35 -12.42
C THR A 147 6.33 1.66 -12.44
N ILE A 148 6.87 1.86 -13.65
CA ILE A 148 8.22 2.31 -13.89
C ILE A 148 8.13 3.47 -14.86
N THR A 149 9.22 4.22 -14.96
CA THR A 149 9.36 5.30 -15.91
C THR A 149 10.57 5.02 -16.80
N ILE A 150 10.37 5.13 -18.10
CA ILE A 150 11.45 4.95 -19.07
C ILE A 150 11.64 6.27 -19.79
N VAL A 151 12.83 6.83 -19.66
CA VAL A 151 13.15 8.08 -20.34
C VAL A 151 13.93 7.75 -21.60
N ILE A 152 13.39 8.19 -22.73
CA ILE A 152 14.00 8.01 -24.05
C ILE A 152 14.84 9.26 -24.30
N ARG A 153 16.18 9.09 -24.30
CA ARG A 153 17.08 10.23 -24.39
C ARG A 153 17.52 10.48 -25.83
N PRO A 154 17.82 11.75 -26.17
CA PRO A 154 18.25 12.05 -27.54
C PRO A 154 19.59 11.43 -27.91
N ASP A 155 20.38 10.98 -26.94
CA ASP A 155 21.63 10.30 -27.23
C ASP A 155 21.45 8.82 -27.54
N GLY A 156 20.21 8.36 -27.71
CA GLY A 156 19.94 6.97 -28.03
C GLY A 156 19.89 6.03 -26.85
N LYS A 157 20.13 6.52 -25.65
CA LYS A 157 20.11 5.71 -24.45
C LYS A 157 18.72 5.77 -23.82
N TYR A 158 18.46 4.85 -22.90
CA TYR A 158 17.21 4.81 -22.15
C TYR A 158 17.54 4.81 -20.66
N TRP A 159 16.84 5.65 -19.89
CA TRP A 159 16.94 5.58 -18.45
C TRP A 159 15.72 4.86 -17.91
N LEU A 160 15.95 3.82 -17.12
CA LEU A 160 14.87 3.02 -16.52
C LEU A 160 14.83 3.34 -15.04
N PHE A 161 13.76 3.99 -14.59
CA PHE A 161 13.58 4.35 -13.19
C PHE A 161 12.59 3.38 -12.57
N ASP A 162 13.03 2.67 -11.54
CA ASP A 162 12.28 1.55 -10.97
C ASP A 162 12.11 1.74 -9.47
N PRO A 163 10.95 2.15 -9.01
CA PRO A 163 10.73 2.36 -7.58
C PRO A 163 10.27 1.11 -6.83
N HIS A 164 10.51 -0.09 -7.38
CA HIS A 164 10.02 -1.30 -6.75
C HIS A 164 10.72 -1.60 -5.43
N GLY A 165 11.90 -1.05 -5.21
CA GLY A 165 12.68 -1.34 -4.03
C GLY A 165 13.62 -2.50 -4.31
N THR A 166 14.92 -2.22 -4.37
CA THR A 166 15.88 -3.20 -4.84
C THR A 166 17.18 -3.08 -4.05
N ASN A 167 17.70 -4.22 -3.60
CA ASN A 167 18.96 -4.26 -2.87
C ASN A 167 18.93 -3.34 -1.64
N GLY A 168 17.77 -3.22 -1.02
CA GLY A 168 17.61 -2.44 0.19
C GLY A 168 17.41 -0.95 -0.01
N LYS A 169 17.31 -0.47 -1.24
CA LYS A 169 17.10 0.94 -1.52
C LYS A 169 15.73 1.16 -2.13
N GLY A 170 15.24 2.38 -2.00
CA GLY A 170 13.87 2.68 -2.40
C GLY A 170 13.66 2.72 -3.90
N ALA A 171 14.72 2.98 -4.67
CA ALA A 171 14.58 3.03 -6.12
C ALA A 171 15.98 3.07 -6.73
N TYR A 172 16.04 2.79 -8.03
CA TYR A 172 17.28 2.89 -8.78
C TYR A 172 16.94 3.37 -10.18
N ILE A 173 17.97 3.87 -10.88
CA ILE A 173 17.88 4.24 -12.28
C ILE A 173 19.01 3.51 -13.01
N GLU A 174 18.69 2.90 -14.14
CA GLU A 174 19.69 2.26 -15.00
C GLU A 174 19.68 2.91 -16.37
N SER A 175 20.86 3.16 -16.91
CA SER A 175 21.01 3.68 -18.27
C SER A 175 21.32 2.51 -19.20
N CYS A 176 20.51 2.38 -20.27
CA CYS A 176 20.54 1.20 -21.11
C CYS A 176 20.57 1.56 -22.58
N ASN A 177 21.17 0.69 -23.39
CA ASN A 177 20.92 0.71 -24.81
C ASN A 177 19.67 -0.12 -25.12
N THR A 178 19.27 -0.12 -26.39
CA THR A 178 17.98 -0.70 -26.79
C THR A 178 17.85 -2.14 -26.33
N ASP A 179 18.84 -2.97 -26.65
CA ASP A 179 18.67 -4.40 -26.36
C ASP A 179 18.78 -4.70 -24.87
N GLU A 180 19.66 -3.99 -24.15
CA GLU A 180 19.74 -4.19 -22.72
C GLU A 180 18.44 -3.76 -22.01
N LEU A 181 17.80 -2.70 -22.49
CA LEU A 181 16.50 -2.30 -21.90
C LEU A 181 15.49 -3.43 -22.02
N ILE A 182 15.40 -4.02 -23.20
CA ILE A 182 14.49 -5.15 -23.40
C ILE A 182 14.79 -6.25 -22.39
N LYS A 183 16.07 -6.55 -22.20
CA LYS A 183 16.45 -7.63 -21.29
C LYS A 183 16.11 -7.28 -19.85
N LYS A 184 16.27 -6.02 -19.45
CA LYS A 184 15.95 -5.64 -18.08
C LYS A 184 14.46 -5.68 -17.79
N ILE A 185 13.62 -5.33 -18.77
CA ILE A 185 12.17 -5.40 -18.53
C ILE A 185 11.76 -6.84 -18.25
N LYS A 186 12.42 -7.81 -18.90
CA LYS A 186 12.08 -9.21 -18.65
C LYS A 186 12.33 -9.61 -17.20
N GLU A 187 13.23 -8.91 -16.51
CA GLU A 187 13.49 -9.17 -15.10
C GLU A 187 12.57 -8.39 -14.18
N ILE A 188 12.26 -7.13 -14.54
CA ILE A 188 11.38 -6.30 -13.71
C ILE A 188 9.94 -6.78 -13.77
N PHE A 189 9.45 -7.09 -14.99
CA PHE A 189 8.08 -7.54 -15.20
C PHE A 189 8.17 -8.92 -15.83
N PRO A 190 8.44 -9.97 -15.04
CA PRO A 190 8.60 -11.30 -15.64
C PRO A 190 7.29 -11.78 -16.25
N LYS A 191 7.41 -12.39 -17.42
CA LYS A 191 6.26 -12.89 -18.14
C LYS A 191 5.80 -14.22 -17.52
N THR A 192 4.50 -14.38 -17.39
CA THR A 192 3.94 -15.68 -16.99
C THR A 192 3.76 -16.52 -18.24
N SER A 193 4.35 -17.71 -18.26
CA SER A 193 4.21 -18.57 -19.41
C SER A 193 4.30 -20.01 -18.96
N TYR A 194 3.39 -20.83 -19.46
CA TYR A 194 3.43 -22.27 -19.21
C TYR A 194 2.87 -22.96 -20.43
N PRO A 195 3.20 -24.24 -20.63
CA PRO A 195 2.66 -24.96 -21.78
C PRO A 195 1.14 -24.99 -21.75
N GLY A 196 0.53 -24.65 -22.87
CA GLY A 196 -0.91 -24.65 -22.98
C GLY A 196 -1.60 -23.38 -22.52
N MSE A 197 -0.86 -22.36 -22.12
CA MSE A 197 -1.48 -21.10 -21.72
C MSE A 197 -2.35 -20.56 -22.84
O MSE A 197 -1.92 -20.52 -23.99
CB MSE A 197 -0.43 -20.08 -21.34
CG MSE A 197 -1.01 -18.82 -20.74
SE MSE A 197 0.37 -17.61 -20.12
CE MSE A 197 1.26 -17.25 -21.82
H MSE A 197 0.00 -22.36 -22.09
HA MSE A 197 -2.02 -21.27 -20.92
HB2 MSE A 197 0.17 -20.47 -20.69
HB3 MSE A 197 0.07 -19.83 -22.13
HG2 MSE A 197 -1.53 -18.36 -21.41
HG3 MSE A 197 -1.56 -19.06 -19.99
HE1 MSE A 197 1.97 -16.60 -21.67
HE2 MSE A 197 1.64 -18.07 -22.16
HE3 MSE A 197 0.62 -16.89 -22.45
N THR A 198 -3.57 -20.13 -22.52
CA THR A 198 -4.42 -19.56 -23.55
C THR A 198 -4.09 -18.08 -23.73
N GLU A 199 -4.55 -17.53 -24.86
CA GLU A 199 -4.41 -16.09 -25.08
C GLU A 199 -5.20 -15.30 -24.04
N ASP A 200 -6.34 -15.83 -23.59
CA ASP A 200 -7.07 -15.18 -22.52
C ASP A 200 -6.26 -15.14 -21.24
N GLU A 201 -5.53 -16.21 -20.93
CA GLU A 201 -4.67 -16.21 -19.76
C GLU A 201 -3.47 -15.30 -19.96
N ASN A 202 -2.89 -15.31 -21.16
CA ASN A 202 -1.80 -14.40 -21.50
C ASN A 202 -2.20 -12.94 -21.30
N LEU A 203 -3.37 -12.55 -21.78
CA LEU A 203 -3.82 -11.17 -21.59
C LEU A 203 -4.05 -10.87 -20.11
N GLY A 204 -4.50 -11.86 -19.34
CA GLY A 204 -4.77 -11.63 -17.94
C GLY A 204 -3.52 -11.52 -17.07
N PHE A 205 -2.47 -12.25 -17.42
CA PHE A 205 -1.24 -12.22 -16.64
C PHE A 205 -0.25 -11.17 -17.11
N ASN A 206 -0.25 -10.84 -18.40
CA ASN A 206 0.93 -10.22 -19.01
C ASN A 206 0.62 -8.90 -19.69
N SER A 207 -0.50 -8.26 -19.39
CA SER A 207 -0.82 -7.00 -20.02
C SER A 207 -0.21 -5.82 -19.26
N PHE A 208 0.11 -4.76 -20.00
CA PHE A 208 0.57 -3.51 -19.42
C PHE A 208 -0.06 -2.34 -20.18
N GLU A 209 0.08 -1.14 -19.62
CA GLU A 209 -0.31 0.08 -20.31
C GLU A 209 0.80 1.11 -20.11
N ALA A 210 0.97 1.99 -21.08
CA ALA A 210 1.99 3.04 -20.95
C ALA A 210 1.49 4.35 -21.51
N TYR A 211 1.83 5.44 -20.82
CA TYR A 211 1.50 6.79 -21.21
C TYR A 211 2.79 7.51 -21.60
N ALA A 212 2.71 8.36 -22.60
CA ALA A 212 3.85 9.16 -23.03
C ALA A 212 3.69 10.59 -22.53
N VAL A 213 4.74 11.11 -21.90
CA VAL A 213 4.70 12.48 -21.41
C VAL A 213 5.99 13.22 -21.75
N ARG A 214 5.88 14.53 -21.88
CA ARG A 214 7.05 15.39 -22.05
C ARG A 214 6.89 16.62 -21.17
N ARG A 215 7.98 17.36 -21.02
CA ARG A 215 7.96 18.66 -20.36
C ARG A 215 7.58 19.74 -21.39
N GLU B 6 2.59 -29.11 21.75
CA GLU B 6 1.89 -27.88 21.38
C GLU B 6 2.87 -26.73 21.19
N GLN B 7 2.54 -25.80 20.30
CA GLN B 7 3.36 -24.63 20.08
C GLN B 7 3.12 -23.60 21.18
N ASP B 8 4.08 -22.67 21.33
CA ASP B 8 3.89 -21.57 22.26
C ASP B 8 2.61 -20.82 21.92
N SER B 9 1.82 -20.50 22.94
CA SER B 9 0.50 -19.91 22.76
C SER B 9 0.26 -18.90 23.87
N LEU B 10 -0.88 -18.20 23.77
CA LEU B 10 -1.27 -17.21 24.78
C LEU B 10 -1.57 -17.85 26.13
N ALA B 11 -1.68 -19.17 26.19
CA ALA B 11 -1.88 -19.82 27.49
C ALA B 11 -0.63 -19.72 28.36
N ALA B 12 0.55 -19.61 27.74
CA ALA B 12 1.81 -19.52 28.46
C ALA B 12 2.55 -18.21 28.26
N PHE B 13 2.24 -17.45 27.21
CA PHE B 13 2.90 -16.19 26.92
C PHE B 13 1.85 -15.10 26.74
N SER B 14 2.20 -13.87 27.09
CA SER B 14 1.29 -12.76 26.92
C SER B 14 1.45 -12.09 25.55
N ARG B 15 2.44 -12.51 24.76
CA ARG B 15 2.62 -11.98 23.41
C ARG B 15 3.07 -13.09 22.46
N ILE B 16 2.37 -13.20 21.33
CA ILE B 16 2.66 -14.20 20.31
C ILE B 16 2.81 -13.47 18.97
N GLU B 17 3.81 -13.85 18.20
CA GLU B 17 4.12 -13.20 16.93
C GLU B 17 4.00 -14.19 15.78
N ALA B 18 3.66 -13.65 14.61
CA ALA B 18 3.55 -14.47 13.42
C ALA B 18 4.92 -14.96 12.97
N ASN B 19 4.91 -16.02 12.16
CA ASN B 19 6.13 -16.42 11.46
C ASN B 19 6.34 -15.57 10.22
N ILE B 20 5.26 -15.19 9.54
CA ILE B 20 5.37 -14.41 8.31
C ILE B 20 6.07 -13.10 8.62
N THR B 21 7.09 -12.78 7.83
CA THR B 21 7.93 -11.63 8.12
C THR B 21 7.25 -10.33 7.72
N GLN B 22 7.73 -9.25 8.34
CA GLN B 22 7.11 -7.94 8.17
C GLN B 22 7.05 -7.53 6.71
N TYR B 23 8.05 -7.91 5.92
CA TYR B 23 8.11 -7.52 4.51
C TYR B 23 7.97 -8.72 3.59
N ASP B 24 7.33 -9.79 4.06
CA ASP B 24 7.02 -10.92 3.21
C ASP B 24 6.25 -10.44 1.99
N PRO B 25 6.53 -10.97 0.80
CA PRO B 25 5.83 -10.50 -0.40
C PRO B 25 4.31 -10.52 -0.28
N LEU B 26 3.75 -11.49 0.44
CA LEU B 26 2.30 -11.57 0.58
C LEU B 26 1.71 -10.30 1.19
N LEU B 27 2.36 -9.76 2.21
CA LEU B 27 1.84 -8.56 2.86
C LEU B 27 2.23 -7.30 2.09
N ASP B 28 3.45 -7.27 1.55
CA ASP B 28 3.92 -6.06 0.87
C ASP B 28 3.06 -5.73 -0.33
N ASN B 29 2.58 -6.76 -1.05
CA ASN B 29 1.76 -6.52 -2.23
C ASN B 29 0.41 -5.92 -1.85
N ALA B 30 -0.29 -6.54 -0.89
CA ALA B 30 -1.54 -5.97 -0.40
C ALA B 30 -1.35 -4.61 0.24
N GLY B 31 -0.19 -4.38 0.86
CA GLY B 31 0.07 -3.11 1.52
C GLY B 31 -0.62 -2.96 2.86
N LYS B 32 -0.47 -1.77 3.43
CA LYS B 32 -1.21 -1.42 4.64
C LYS B 32 -2.72 -1.33 4.42
N SER B 33 -3.18 -1.17 3.19
CA SER B 33 -4.60 -1.02 2.89
C SER B 33 -5.43 -2.29 3.10
N ALA B 34 -4.80 -3.44 3.32
CA ALA B 34 -5.53 -4.67 3.59
C ALA B 34 -5.79 -4.90 5.09
N CYS B 35 -5.42 -3.93 5.93
CA CYS B 35 -5.49 -4.13 7.37
CA CYS B 35 -5.49 -4.15 7.37
C CYS B 35 -6.92 -4.37 7.85
N THR B 36 -7.91 -3.74 7.22
CA THR B 36 -9.27 -3.89 7.71
C THR B 36 -9.82 -5.28 7.43
N CYS B 37 -9.58 -5.78 6.23
CA CYS B 37 -9.97 -7.15 5.90
C CYS B 37 -9.24 -8.16 6.79
N ILE B 38 -7.96 -7.92 7.06
CA ILE B 38 -7.20 -8.80 7.93
C ILE B 38 -7.72 -8.74 9.36
N CYS B 39 -8.11 -7.55 9.82
CA CYS B 39 -8.62 -7.42 11.18
C CYS B 39 -9.98 -8.06 11.35
N LEU B 40 -10.82 -8.04 10.32
CA LEU B 40 -12.07 -8.78 10.38
C LEU B 40 -11.82 -10.29 10.41
N LYS B 41 -10.81 -10.74 9.66
CA LYS B 41 -10.40 -12.15 9.73
C LYS B 41 -9.89 -12.49 11.11
N ALA B 42 -9.17 -11.57 11.75
CA ALA B 42 -8.69 -11.83 13.09
C ALA B 42 -9.86 -12.00 14.05
N ALA B 43 -10.88 -11.14 13.94
CA ALA B 43 -12.05 -11.29 14.78
C ALA B 43 -12.72 -12.62 14.55
N GLU B 44 -12.92 -12.96 13.27
CA GLU B 44 -13.56 -14.23 12.93
C GLU B 44 -12.84 -15.40 13.59
N MSE B 45 -11.52 -15.44 13.50
CA MSE B 45 -10.76 -16.58 13.98
C MSE B 45 -10.46 -16.54 15.47
O MSE B 45 -10.32 -17.58 16.10
CB MSE B 45 -9.48 -16.70 13.15
CG MSE B 45 -9.77 -16.89 11.67
SE MSE B 45 -8.30 -17.43 10.52
CE MSE B 45 -7.61 -18.90 11.51
H MSE B 45 -11.04 -14.81 13.16
HA MSE B 45 -11.31 -17.37 13.86
HB2 MSE B 45 -8.95 -15.89 13.25
HB3 MSE B 45 -8.97 -17.47 13.46
HG2 MSE B 45 -10.46 -17.58 11.60
HG3 MSE B 45 -10.12 -16.05 11.33
HE1 MSE B 45 -6.87 -19.30 11.02
HE2 MSE B 45 -7.32 -18.60 12.38
HE3 MSE B 45 -8.32 -19.56 11.61
N LEU B 46 -10.40 -15.34 16.07
CA LEU B 46 -10.04 -15.26 17.48
C LEU B 46 -11.25 -15.34 18.39
N LEU B 47 -12.41 -14.88 17.92
CA LEU B 47 -13.62 -14.97 18.72
C LEU B 47 -13.99 -16.43 18.96
N GLU B 48 -13.51 -17.33 18.10
CA GLU B 48 -13.74 -18.76 18.16
C GLU B 48 -12.68 -19.51 18.96
N ALA B 49 -11.61 -18.85 19.38
CA ALA B 49 -10.42 -19.52 19.89
C ALA B 49 -10.30 -19.46 21.41
N SER B 50 -9.52 -20.41 21.94
CA SER B 50 -9.06 -20.40 23.32
C SER B 50 -7.60 -19.99 23.38
N PRO B 51 -7.12 -19.55 24.54
CA PRO B 51 -5.73 -19.06 24.61
C PRO B 51 -4.70 -20.01 24.03
N ASP B 52 -4.81 -21.31 24.31
CA ASP B 52 -3.75 -22.22 23.87
C ASP B 52 -3.87 -22.57 22.39
N GLN B 53 -4.94 -22.17 21.70
CA GLN B 53 -5.00 -22.26 20.26
C GLN B 53 -4.29 -21.10 19.56
N VAL B 54 -4.02 -20.01 20.28
CA VAL B 54 -3.47 -18.80 19.67
C VAL B 54 -1.95 -18.93 19.71
N ASN B 55 -1.41 -19.46 18.62
CA ASN B 55 0.01 -19.64 18.41
C ASN B 55 0.42 -18.92 17.12
N ALA B 56 1.72 -18.97 16.81
CA ALA B 56 2.23 -18.22 15.68
C ALA B 56 1.61 -18.67 14.37
N GLY B 57 1.30 -19.97 14.26
CA GLY B 57 0.68 -20.48 13.05
C GLY B 57 -0.71 -19.94 12.83
N LEU B 58 -1.47 -19.75 13.91
CA LEU B 58 -2.80 -19.16 13.76
C LEU B 58 -2.71 -17.72 13.28
N ILE B 59 -1.73 -16.96 13.78
CA ILE B 59 -1.58 -15.59 13.28
C ILE B 59 -1.24 -15.59 11.80
N ASP B 60 -0.35 -16.50 11.36
CA ASP B 60 -0.09 -16.69 9.94
C ASP B 60 -1.38 -16.96 9.16
N ASP B 61 -2.24 -17.85 9.70
CA ASP B 61 -3.49 -18.18 9.04
C ASP B 61 -4.36 -16.93 8.87
N ILE B 62 -4.42 -16.08 9.90
CA ILE B 62 -5.20 -14.84 9.83
C ILE B 62 -4.68 -13.95 8.71
N LEU B 63 -3.36 -13.81 8.60
CA LEU B 63 -2.80 -12.95 7.57
C LEU B 63 -3.13 -13.46 6.18
N VAL B 64 -2.93 -14.76 5.95
CA VAL B 64 -3.08 -15.33 4.62
C VAL B 64 -4.54 -15.29 4.19
N GLU B 65 -5.44 -15.79 5.04
CA GLU B 65 -6.85 -15.81 4.67
C GLU B 65 -7.45 -14.40 4.64
N GLY B 66 -6.92 -13.48 5.45
CA GLY B 66 -7.38 -12.11 5.36
C GLY B 66 -7.08 -11.48 4.02
N VAL B 67 -5.88 -11.70 3.50
CA VAL B 67 -5.54 -11.16 2.18
C VAL B 67 -6.37 -11.84 1.09
N ALA B 68 -6.63 -13.14 1.22
CA ALA B 68 -7.45 -13.80 0.21
C ALA B 68 -8.83 -13.17 0.12
N ASP B 69 -9.48 -12.95 1.26
CA ASP B 69 -10.77 -12.28 1.25
C ASP B 69 -10.65 -10.87 0.67
N TYR B 70 -9.54 -10.18 0.95
CA TYR B 70 -9.39 -8.81 0.46
C TYR B 70 -9.25 -8.79 -1.06
N ASN B 71 -8.45 -9.70 -1.61
CA ASN B 71 -8.32 -9.77 -3.06
C ASN B 71 -9.66 -10.01 -3.73
N ARG B 72 -10.53 -10.80 -3.08
CA ARG B 72 -11.87 -11.02 -3.61
C ARG B 72 -12.65 -9.71 -3.72
N PHE B 73 -12.34 -8.74 -2.85
CA PHE B 73 -13.15 -7.52 -2.74
C PHE B 73 -12.48 -6.28 -3.33
N LYS B 74 -11.18 -6.30 -3.61
CA LYS B 74 -10.51 -5.10 -4.09
C LYS B 74 -10.91 -4.82 -5.55
N THR B 82 -13.74 0.80 2.03
CA THR B 82 -12.88 -0.07 2.88
C THR B 82 -13.08 -0.05 4.41
N SER B 83 -14.13 0.60 4.87
CA SER B 83 -14.56 0.47 6.25
C SER B 83 -15.39 -0.80 6.43
N VAL B 84 -15.57 -1.18 7.70
CA VAL B 84 -16.33 -2.38 8.03
C VAL B 84 -17.70 -2.38 7.37
N GLU B 85 -18.30 -1.21 7.19
CA GLU B 85 -19.62 -1.15 6.56
C GLU B 85 -19.58 -1.53 5.09
N ASN B 86 -18.42 -1.43 4.45
CA ASN B 86 -18.28 -1.77 3.04
C ASN B 86 -17.95 -3.24 2.81
N TYR B 87 -17.55 -3.96 3.85
CA TYR B 87 -17.26 -5.39 3.74
C TYR B 87 -18.48 -6.17 4.21
N GLU B 88 -18.82 -7.23 3.47
CA GLU B 88 -19.96 -8.07 3.80
C GLU B 88 -19.57 -8.97 4.97
N LEU B 89 -19.95 -8.57 6.17
CA LEU B 89 -19.52 -9.30 7.37
C LEU B 89 -19.97 -10.75 7.34
N ASN B 90 -21.02 -11.08 6.58
CA ASN B 90 -21.47 -12.46 6.54
C ASN B 90 -20.39 -13.38 5.98
N THR B 91 -19.55 -12.86 5.09
CA THR B 91 -18.48 -13.68 4.53
C THR B 91 -17.41 -14.01 5.57
N PHE B 92 -17.37 -13.28 6.68
CA PHE B 92 -16.47 -13.55 7.80
C PHE B 92 -17.17 -14.29 8.93
N GLU B 93 -18.41 -14.72 8.73
CA GLU B 93 -19.19 -15.36 9.79
C GLU B 93 -19.34 -14.43 10.99
N LEU B 94 -19.40 -13.13 10.72
CA LEU B 94 -19.52 -12.09 11.74
C LEU B 94 -20.88 -11.38 11.62
N LYS B 95 -21.30 -10.80 12.74
CA LYS B 95 -22.48 -9.97 12.86
C LYS B 95 -22.07 -8.66 13.51
N ARG B 96 -22.56 -7.54 12.97
CA ARG B 96 -22.32 -6.25 13.59
C ARG B 96 -23.29 -6.00 14.73
N LEU B 97 -22.80 -5.44 15.82
CA LEU B 97 -23.62 -5.05 16.95
C LEU B 97 -23.63 -3.54 17.09
N GLU B 98 -24.76 -2.99 17.50
CA GLU B 98 -24.85 -1.56 17.75
C GLU B 98 -23.92 -1.17 18.89
N PHE B 99 -23.07 -0.16 18.65
CA PHE B 99 -22.15 0.30 19.68
C PHE B 99 -21.66 1.68 19.27
N ARG B 100 -22.02 2.71 20.04
CA ARG B 100 -21.70 4.08 19.70
C ARG B 100 -21.59 4.89 20.98
N ASP B 101 -21.08 6.11 20.85
CA ASP B 101 -20.95 7.01 22.00
C ASP B 101 -22.26 7.77 22.16
N VAL B 102 -23.13 7.23 23.01
CA VAL B 102 -24.45 7.84 23.21
C VAL B 102 -24.34 9.18 23.90
N ASP B 103 -23.22 9.48 24.55
CA ASP B 103 -23.02 10.76 25.21
C ASP B 103 -22.59 11.85 24.24
N ASN B 104 -22.14 11.49 23.04
CA ASN B 104 -21.73 12.49 22.07
C ASN B 104 -22.95 13.02 21.33
N PRO B 105 -23.24 14.33 21.39
CA PRO B 105 -24.48 14.82 20.79
C PRO B 105 -24.51 14.72 19.27
N PHE B 106 -23.37 14.54 18.61
CA PHE B 106 -23.31 14.42 17.16
C PHE B 106 -23.53 12.99 16.68
N SER B 107 -23.67 12.04 17.61
CA SER B 107 -23.81 10.63 17.26
C SER B 107 -25.25 10.28 16.97
N ALA B 108 -25.44 9.34 16.04
CA ALA B 108 -26.76 8.85 15.67
C ALA B 108 -26.76 7.32 15.69
N GLU B 109 -27.93 6.75 15.93
CA GLU B 109 -28.03 5.29 15.92
C GLU B 109 -27.57 4.71 14.59
N GLY B 110 -26.81 3.61 14.67
CA GLY B 110 -26.22 2.98 13.51
C GLY B 110 -24.83 3.46 13.15
N ASN B 111 -24.42 4.62 13.67
CA ASN B 111 -23.05 5.08 13.47
C ASN B 111 -22.07 4.21 14.26
N PRO B 112 -20.82 4.14 13.84
CA PRO B 112 -19.79 3.46 14.65
C PRO B 112 -19.49 4.26 15.91
N TYR B 113 -18.67 3.67 16.77
CA TYR B 113 -18.20 4.40 17.93
C TYR B 113 -17.06 5.31 17.50
N ALA B 114 -17.27 6.62 17.64
CA ALA B 114 -16.32 7.60 17.15
C ALA B 114 -15.88 8.48 18.31
N GLY B 115 -14.59 8.77 18.36
CA GLY B 115 -14.10 9.68 19.38
C GLY B 115 -12.65 10.00 19.15
N THR B 116 -12.07 10.73 20.10
CA THR B 116 -10.63 10.99 20.09
C THR B 116 -9.89 9.97 20.95
N LEU B 117 -8.58 9.90 20.76
CA LEU B 117 -7.78 8.93 21.50
C LEU B 117 -7.96 9.06 23.01
N ASP B 118 -8.29 10.27 23.49
CA ASP B 118 -8.51 10.43 24.92
C ASP B 118 -9.67 9.58 25.42
N SER B 119 -10.63 9.30 24.54
CA SER B 119 -11.83 8.55 24.89
C SER B 119 -11.63 7.04 24.89
N PHE B 120 -10.43 6.54 24.60
CA PHE B 120 -10.26 5.11 24.41
C PHE B 120 -10.69 4.33 25.66
N ALA B 121 -10.18 4.74 26.83
CA ALA B 121 -10.52 4.02 28.06
C ALA B 121 -12.01 4.04 28.31
N LYS B 122 -12.66 5.17 28.05
CA LYS B 122 -14.10 5.27 28.18
C LYS B 122 -14.80 4.26 27.28
N MSE B 123 -14.38 4.19 26.02
CA MSE B 123 -15.00 3.24 25.10
C MSE B 123 -14.89 1.82 25.63
O MSE B 123 -15.86 1.04 25.57
CB MSE B 123 -14.38 3.33 23.72
CG MSE B 123 -15.01 2.36 22.74
SE MSE B 123 -14.13 2.38 21.06
CE MSE B 123 -12.46 1.58 21.64
H MSE B 123 -13.75 4.66 25.68
HA MSE B 123 -15.94 3.47 25.01
HB2 MSE B 123 -14.50 4.23 23.37
HB3 MSE B 123 -13.43 3.13 23.78
HG2 MSE B 123 -14.96 1.46 23.11
HG3 MSE B 123 -15.95 2.61 22.61
HE1 MSE B 123 -11.90 1.43 20.86
HE2 MSE B 123 -12.01 2.20 22.24
HE3 MSE B 123 -12.64 0.75 22.09
N MSE B 124 -13.71 1.47 26.14
CA MSE B 124 -13.47 0.09 26.56
C MSE B 124 -14.30 -0.26 27.77
O MSE B 124 -14.76 -1.40 27.92
CB MSE B 124 -11.99 -0.14 26.86
CG MSE B 124 -11.07 0.01 25.64
SE MSE B 124 -11.58 -1.19 24.17
CE MSE B 124 -11.94 -2.80 25.19
H MSE B 124 -13.05 2.00 26.26
HA MSE B 124 -13.70 -0.49 25.83
HB2 MSE B 124 -11.70 0.51 27.52
HB3 MSE B 124 -11.87 -1.04 27.20
HG2 MSE B 124 -11.11 0.93 25.31
HG3 MSE B 124 -10.16 -0.20 25.90
HE1 MSE B 124 -12.13 -3.52 24.58
HE2 MSE B 124 -11.14 -3.02 25.72
HE3 MSE B 124 -12.69 -2.65 25.78
N GLU B 125 -14.49 0.71 28.65
CA GLU B 125 -15.35 0.46 29.82
C GLU B 125 -16.80 0.28 29.40
N LYS B 126 -17.26 1.09 28.45
CA LYS B 126 -18.64 0.96 27.98
C LYS B 126 -18.84 -0.39 27.30
N ALA B 127 -17.87 -0.80 26.46
CA ALA B 127 -18.00 -2.07 25.75
C ALA B 127 -17.91 -3.25 26.72
N SER B 128 -17.06 -3.13 27.74
CA SER B 128 -16.86 -4.27 28.64
C SER B 128 -18.00 -4.44 29.62
N ASP B 129 -18.72 -3.38 29.95
CA ASP B 129 -19.79 -3.45 30.94
C ASP B 129 -21.16 -3.31 30.30
N SER B 130 -21.26 -3.43 28.98
CA SER B 130 -22.54 -3.31 28.29
C SER B 130 -23.29 -4.63 28.29
N LYS B 131 -24.58 -4.57 28.60
CA LYS B 131 -25.46 -5.72 28.45
C LYS B 131 -25.69 -6.04 26.99
N ASP B 132 -25.70 -5.03 26.13
CA ASP B 132 -25.98 -5.21 24.71
C ASP B 132 -24.83 -5.82 23.93
N LEU B 133 -23.66 -5.99 24.53
CA LEU B 133 -22.51 -6.60 23.87
C LEU B 133 -22.09 -7.84 24.64
N PRO B 134 -22.60 -9.02 24.27
CA PRO B 134 -22.17 -10.24 24.95
C PRO B 134 -20.68 -10.46 24.72
N LYS B 135 -20.10 -11.37 25.49
CA LYS B 135 -18.68 -11.65 25.38
C LYS B 135 -18.49 -13.13 25.05
N PRO B 136 -17.52 -13.47 24.19
CA PRO B 136 -16.56 -12.57 23.54
C PRO B 136 -17.14 -11.70 22.43
N VAL B 137 -16.59 -10.49 22.33
CA VAL B 137 -16.96 -9.54 21.29
C VAL B 137 -15.66 -8.85 20.89
N ALA B 138 -15.59 -8.44 19.63
CA ALA B 138 -14.41 -7.80 19.08
C ALA B 138 -14.74 -6.37 18.63
N LEU B 139 -13.81 -5.46 18.89
CA LEU B 139 -13.86 -4.11 18.34
C LEU B 139 -12.82 -4.03 17.22
N VAL B 140 -13.25 -3.58 16.05
CA VAL B 140 -12.36 -3.33 14.93
C VAL B 140 -12.19 -1.82 14.86
N MSE B 141 -10.98 -1.36 15.20
CA MSE B 141 -10.72 0.05 15.46
C MSE B 141 -9.77 0.61 14.42
O MSE B 141 -8.68 0.10 14.26
CB MSE B 141 -10.11 0.21 16.86
CG MSE B 141 -9.72 1.63 17.27
SE MSE B 141 -8.92 1.58 19.06
CE MSE B 141 -8.42 3.49 19.19
H MSE B 141 -10.29 -1.86 15.29
HA MSE B 141 -11.55 0.56 15.43
HB2 MSE B 141 -10.76 -0.10 17.51
HB3 MSE B 141 -9.31 -0.34 16.91
HG2 MSE B 141 -9.06 1.98 16.63
HG3 MSE B 141 -10.51 2.20 17.28
HE1 MSE B 141 -7.90 3.62 20.01
HE2 MSE B 141 -7.89 3.73 18.42
HE3 MSE B 141 -9.22 4.03 19.22
N THR B 142 -10.19 1.69 13.76
CA THR B 142 -9.39 2.30 12.70
C THR B 142 -8.99 3.71 13.10
N LYS B 143 -7.71 4.05 12.93
CA LYS B 143 -7.23 5.39 13.21
C LYS B 143 -6.26 5.75 12.09
N SER B 144 -6.57 6.80 11.35
CA SER B 144 -5.73 7.26 10.24
C SER B 144 -5.49 6.10 9.25
N ASN B 145 -6.59 5.45 8.86
CA ASN B 145 -6.55 4.38 7.84
C ASN B 145 -5.61 3.24 8.24
N MSE B 146 -5.49 2.99 9.53
CA MSE B 146 -4.76 1.84 10.08
C MSE B 146 -5.71 1.19 11.08
O MSE B 146 -6.40 1.90 11.79
CB MSE B 146 -3.45 2.28 10.70
CG MSE B 146 -2.72 1.16 11.41
SE MSE B 146 -2.44 -0.43 10.29
CE MSE B 146 -2.00 -1.63 11.72
H MSE B 146 -5.84 3.49 10.15
HA MSE B 146 -4.49 1.21 9.38
HB2 MSE B 146 -2.87 2.62 10.00
HB3 MSE B 146 -3.63 2.97 11.35
HG2 MSE B 146 -1.86 1.49 11.69
HG3 MSE B 146 -3.24 0.89 12.19
HE1 MSE B 146 -1.38 -2.30 11.39
HE2 MSE B 146 -1.59 -1.14 12.44
HE3 MSE B 146 -2.81 -2.05 12.04
N THR B 147 -5.75 -0.14 11.14
CA THR B 147 -6.78 -0.86 11.87
C THR B 147 -6.15 -1.90 12.78
N ILE B 148 -6.77 -2.09 13.95
CA ILE B 148 -6.42 -3.16 14.88
C ILE B 148 -7.71 -3.83 15.30
N THR B 149 -7.58 -5.01 15.92
CA THR B 149 -8.72 -5.73 16.46
C THR B 149 -8.48 -5.99 17.94
N ILE B 150 -9.47 -5.66 18.76
CA ILE B 150 -9.41 -5.88 20.20
C ILE B 150 -10.51 -6.87 20.53
N VAL B 151 -10.14 -8.01 21.08
CA VAL B 151 -11.10 -9.03 21.49
C VAL B 151 -11.33 -8.87 22.98
N ILE B 152 -12.58 -8.63 23.35
CA ILE B 152 -13.00 -8.49 24.75
C ILE B 152 -13.43 -9.87 25.21
N ARG B 153 -12.65 -10.46 26.06
CA ARG B 153 -12.81 -11.84 26.49
C ARG B 153 -13.69 -11.89 27.74
N PRO B 154 -14.48 -12.95 27.89
CA PRO B 154 -15.33 -13.06 29.09
C PRO B 154 -14.54 -13.22 30.38
N ASP B 155 -13.27 -13.57 30.31
CA ASP B 155 -12.45 -13.65 31.51
C ASP B 155 -11.89 -12.29 31.95
N GLY B 156 -12.37 -11.19 31.36
CA GLY B 156 -11.91 -9.87 31.72
C GLY B 156 -10.64 -9.41 31.05
N LYS B 157 -10.01 -10.26 30.25
CA LYS B 157 -8.80 -9.91 29.52
C LYS B 157 -9.15 -9.42 28.12
N TYR B 158 -8.17 -8.83 27.48
CA TYR B 158 -8.28 -8.31 26.13
C TYR B 158 -7.16 -8.93 25.30
N TRP B 159 -7.50 -9.36 24.10
CA TRP B 159 -6.49 -9.70 23.10
C TRP B 159 -6.41 -8.57 22.09
N LEU B 160 -5.21 -8.05 21.89
CA LEU B 160 -4.96 -7.00 20.92
C LEU B 160 -4.24 -7.62 19.73
N PHE B 161 -4.89 -7.61 18.57
CA PHE B 161 -4.30 -8.09 17.33
C PHE B 161 -3.87 -6.88 16.52
N ASP B 162 -2.59 -6.82 16.18
CA ASP B 162 -2.01 -5.62 15.57
C ASP B 162 -1.30 -6.02 14.28
N PRO B 163 -1.88 -5.75 13.11
CA PRO B 163 -1.26 -6.17 11.86
C PRO B 163 -0.21 -5.21 11.35
N HIS B 164 0.23 -4.29 12.20
CA HIS B 164 1.34 -3.41 11.87
C HIS B 164 2.64 -4.19 11.95
N GLY B 165 3.55 -3.91 11.03
CA GLY B 165 4.84 -4.57 11.02
C GLY B 165 5.61 -4.28 12.29
N THR B 166 5.92 -5.31 13.07
CA THR B 166 6.54 -5.12 14.38
C THR B 166 7.61 -6.17 14.59
N ASN B 167 8.81 -5.70 14.97
CA ASN B 167 9.95 -6.57 15.26
C ASN B 167 10.22 -7.54 14.12
N GLY B 168 9.97 -7.10 12.89
CA GLY B 168 10.25 -7.91 11.72
C GLY B 168 9.20 -8.94 11.38
N LYS B 169 8.08 -8.97 12.10
CA LYS B 169 7.02 -9.92 11.84
C LYS B 169 5.77 -9.18 11.36
N GLY B 170 4.92 -9.92 10.65
CA GLY B 170 3.77 -9.31 10.00
C GLY B 170 2.66 -8.91 10.95
N ALA B 171 2.59 -9.53 12.11
CA ALA B 171 1.54 -9.20 13.07
C ALA B 171 1.85 -9.86 14.40
N TYR B 172 1.17 -9.41 15.44
CA TYR B 172 1.29 -10.02 16.76
C TYR B 172 -0.04 -9.92 17.47
N ILE B 173 -0.19 -10.74 18.51
CA ILE B 173 -1.33 -10.68 19.43
C ILE B 173 -0.75 -10.55 20.83
N GLU B 174 -1.28 -9.62 21.62
CA GLU B 174 -0.92 -9.50 23.01
C GLU B 174 -2.14 -9.66 23.90
N SER B 175 -1.98 -10.39 25.00
CA SER B 175 -3.01 -10.50 26.01
C SER B 175 -2.78 -9.41 27.06
N CYS B 176 -3.81 -8.62 27.33
CA CYS B 176 -3.70 -7.44 28.16
C CYS B 176 -4.81 -7.41 29.21
N ASN B 177 -4.49 -6.80 30.36
CA ASN B 177 -5.51 -6.34 31.29
C ASN B 177 -5.92 -4.93 30.88
N THR B 178 -6.90 -4.37 31.60
CA THR B 178 -7.47 -3.09 31.18
C THR B 178 -6.39 -2.02 31.08
N ASP B 179 -5.58 -1.89 32.13
CA ASP B 179 -4.61 -0.80 32.16
C ASP B 179 -3.51 -1.05 31.13
N GLU B 180 -3.12 -2.31 30.93
CA GLU B 180 -2.14 -2.62 29.91
C GLU B 180 -2.66 -2.31 28.50
N LEU B 181 -3.94 -2.58 28.25
CA LEU B 181 -4.52 -2.25 26.95
C LEU B 181 -4.46 -0.76 26.71
N ILE B 182 -4.84 0.03 27.72
CA ILE B 182 -4.78 1.48 27.59
C ILE B 182 -3.36 1.92 27.24
N LYS B 183 -2.36 1.37 27.93
CA LYS B 183 -0.97 1.77 27.67
C LYS B 183 -0.52 1.37 26.27
N LYS B 184 -0.95 0.21 25.79
CA LYS B 184 -0.52 -0.26 24.48
C LYS B 184 -1.10 0.58 23.36
N ILE B 185 -2.35 1.04 23.52
CA ILE B 185 -2.95 1.89 22.49
C ILE B 185 -2.18 3.19 22.37
N LYS B 186 -1.70 3.73 23.51
CA LYS B 186 -0.93 4.97 23.47
C LYS B 186 0.34 4.84 22.65
N GLU B 187 0.87 3.62 22.51
CA GLU B 187 2.05 3.35 21.69
C GLU B 187 1.70 3.06 20.24
N ILE B 188 0.61 2.31 20.00
CA ILE B 188 0.22 1.98 18.63
C ILE B 188 -0.33 3.20 17.90
N PHE B 189 -1.19 3.97 18.57
CA PHE B 189 -1.82 5.15 18.00
C PHE B 189 -1.42 6.36 18.85
N PRO B 190 -0.22 6.89 18.67
CA PRO B 190 0.20 8.01 19.53
C PRO B 190 -0.63 9.26 19.28
N LYS B 191 -0.99 9.93 20.37
CA LYS B 191 -1.77 11.15 20.29
C LYS B 191 -0.89 12.34 19.92
N THR B 192 -1.39 13.17 19.01
CA THR B 192 -0.75 14.45 18.69
C THR B 192 -1.24 15.50 19.68
N SER B 193 -0.30 16.16 20.34
CA SER B 193 -0.67 17.18 21.32
C SER B 193 0.42 18.24 21.37
N TYR B 194 0.02 19.51 21.37
CA TYR B 194 0.95 20.62 21.54
C TYR B 194 0.21 21.75 22.25
N PRO B 195 0.92 22.69 22.87
CA PRO B 195 0.24 23.80 23.55
C PRO B 195 -0.57 24.64 22.58
N GLY B 196 -1.81 24.92 22.95
CA GLY B 196 -2.72 25.71 22.15
C GLY B 196 -3.51 24.94 21.12
N MSE B 197 -3.34 23.62 21.04
CA MSE B 197 -4.07 22.82 20.06
C MSE B 197 -5.57 23.03 20.23
O MSE B 197 -6.08 22.98 21.34
CB MSE B 197 -3.69 21.35 20.20
CG MSE B 197 -4.29 20.46 19.13
SE MSE B 197 -3.73 18.59 19.27
CE MSE B 197 -4.39 18.17 21.05
H MSE B 197 -2.80 23.17 21.54
HA MSE B 197 -3.81 23.08 19.16
HB2 MSE B 197 -2.73 21.27 20.16
HB3 MSE B 197 -4.01 21.03 21.07
HG2 MSE B 197 -5.26 20.49 19.22
HG3 MSE B 197 -4.02 20.79 18.26
HE1 MSE B 197 -4.19 17.24 21.25
HE2 MSE B 197 -3.96 18.75 21.70
HE3 MSE B 197 -5.36 18.31 21.08
N THR B 198 -6.26 23.33 19.15
CA THR B 198 -7.70 23.52 19.24
C THR B 198 -8.41 22.16 19.22
N GLU B 199 -9.68 22.16 19.63
CA GLU B 199 -10.49 20.95 19.51
C GLU B 199 -10.65 20.54 18.06
N ASP B 200 -10.70 21.51 17.15
CA ASP B 200 -10.79 21.20 15.73
C ASP B 200 -9.55 20.44 15.28
N GLU B 201 -8.38 20.84 15.76
CA GLU B 201 -7.15 20.13 15.43
C GLU B 201 -7.06 18.77 16.13
N ASN B 202 -7.48 18.72 17.40
CA ASN B 202 -7.54 17.45 18.13
C ASN B 202 -8.38 16.43 17.36
N LEU B 203 -9.53 16.86 16.86
CA LEU B 203 -10.37 15.98 16.07
C LEU B 203 -9.68 15.57 14.77
N GLY B 204 -8.87 16.45 14.19
CA GLY B 204 -8.21 16.14 12.94
C GLY B 204 -7.05 15.18 13.07
N PHE B 205 -6.33 15.24 14.20
CA PHE B 205 -5.19 14.36 14.39
C PHE B 205 -5.52 13.07 15.14
N ASN B 206 -6.51 13.09 16.04
CA ASN B 206 -6.63 12.10 17.08
C ASN B 206 -7.98 11.37 17.10
N SER B 207 -8.72 11.43 16.00
CA SER B 207 -9.99 10.74 15.92
C SER B 207 -9.80 9.29 15.48
N PHE B 208 -10.69 8.42 15.97
CA PHE B 208 -10.74 7.03 15.52
C PHE B 208 -12.20 6.63 15.41
N GLU B 209 -12.43 5.47 14.78
CA GLU B 209 -13.77 4.89 14.75
C GLU B 209 -13.63 3.40 15.04
N ALA B 210 -14.65 2.83 15.66
CA ALA B 210 -14.60 1.41 15.99
C ALA B 210 -15.96 0.76 15.78
N TYR B 211 -15.93 -0.45 15.24
CA TYR B 211 -17.10 -1.27 15.01
C TYR B 211 -17.07 -2.48 15.93
N ALA B 212 -18.23 -2.89 16.43
CA ALA B 212 -18.36 -4.06 17.27
C ALA B 212 -18.95 -5.21 16.45
N VAL B 213 -18.29 -6.37 16.52
CA VAL B 213 -18.73 -7.56 15.78
C VAL B 213 -18.66 -8.77 16.68
N ARG B 214 -19.49 -9.77 16.39
CA ARG B 214 -19.47 -11.02 17.12
C ARG B 214 -19.67 -12.15 16.12
N ARG B 215 -19.41 -13.37 16.56
CA ARG B 215 -19.75 -14.56 15.78
C ARG B 215 -21.20 -14.98 16.05
#